data_7Z8O
#
_entry.id   7Z8O
#
_cell.length_a   44.163
_cell.length_b   55.692
_cell.length_c   82.718
_cell.angle_alpha   90.000
_cell.angle_beta   90.000
_cell.angle_gamma   90.000
#
_symmetry.space_group_name_H-M   'P 21 21 21'
#
loop_
_entity.id
_entity.type
_entity.pdbx_description
1 polymer 'Spike protein S1'
2 polymer 'Stapled peptide'
3 non-polymer GLYCEROL
4 non-polymer 2,4,6-tris(chloromethyl)-1,3,5-triazine
5 water water
#
loop_
_entity_poly.entity_id
_entity_poly.type
_entity_poly.pdbx_seq_one_letter_code
_entity_poly.pdbx_strand_id
1 'polypeptide(L)'
;GSGTNLCPFGEVFNATRFASVYAWNRKRISNCVADYSVLYNSASFSTFKCYGVSPTKLNDLCFTNVYADSFVIRGDEVRQ
IAPGQTGKIADYNYKLPDDFTGCVIAWNSNNLDSKVGGNYNYLYRLFRKSNLKPFERDISTEIYQAGSTPCNGVEGFNCY
FPLQSYGFQPTNGVGYQPYRVVVLSFELLHAPATVCGP
;
A
2 'polypeptide(L)' (ACE)CPYVAG(4J5)(DAL)TCL(0JY)(CY3) B
#
# COMPACT_ATOMS: atom_id res chain seq x y z
N THR A 4 -7.54 -27.06 6.49
CA THR A 4 -8.41 -25.83 6.58
C THR A 4 -8.76 -25.34 5.14
N ASN A 5 -10.05 -24.87 4.96
CA ASN A 5 -10.41 -24.06 3.74
C ASN A 5 -10.24 -22.54 3.98
N LEU A 6 -9.72 -22.05 5.08
CA LEU A 6 -9.72 -20.61 5.40
C LEU A 6 -8.73 -19.89 4.50
N CYS A 7 -9.14 -18.78 3.94
CA CYS A 7 -8.20 -17.95 3.17
C CYS A 7 -7.06 -17.50 4.07
N PRO A 8 -5.84 -17.40 3.49
CA PRO A 8 -4.64 -17.11 4.25
C PRO A 8 -4.47 -15.61 4.57
N PHE A 9 -5.53 -15.04 5.15
CA PHE A 9 -5.47 -13.66 5.64
C PHE A 9 -4.58 -13.59 6.86
N GLY A 10 -4.35 -14.67 7.61
CA GLY A 10 -3.40 -14.63 8.70
C GLY A 10 -2.06 -14.13 8.21
N GLU A 11 -1.57 -14.73 7.14
CA GLU A 11 -0.25 -14.36 6.59
C GLU A 11 -0.25 -12.90 6.12
N VAL A 12 -1.36 -12.44 5.55
CA VAL A 12 -1.43 -11.05 5.04
C VAL A 12 -1.29 -10.06 6.20
N PHE A 13 -2.10 -10.26 7.21
CA PHE A 13 -2.19 -9.26 8.30
C PHE A 13 -1.10 -9.43 9.37
N ASN A 14 -0.46 -10.58 9.41
CA ASN A 14 0.58 -10.90 10.41
C ASN A 14 1.95 -11.03 9.75
N ALA A 15 2.12 -10.62 8.52
CA ALA A 15 3.42 -10.72 7.85
C ALA A 15 4.44 -9.90 8.66
N THR A 16 5.63 -10.44 8.76
N THR A 16 5.64 -10.44 8.77
CA THR A 16 6.69 -9.76 9.55
CA THR A 16 6.69 -9.76 9.55
C THR A 16 7.25 -8.56 8.79
C THR A 16 7.23 -8.56 8.79
N ARG A 17 7.46 -8.74 7.49
CA ARG A 17 7.90 -7.61 6.70
C ARG A 17 6.75 -7.10 5.85
N PHE A 18 6.60 -5.79 5.83
CA PHE A 18 5.72 -5.12 4.86
C PHE A 18 6.56 -4.44 3.81
N ALA A 19 6.06 -4.40 2.61
CA ALA A 19 6.78 -3.76 1.52
C ALA A 19 6.84 -2.25 1.68
N SER A 20 7.93 -1.68 1.14
CA SER A 20 7.91 -0.26 0.79
C SER A 20 6.84 -0.02 -0.27
N VAL A 21 6.15 1.11 -0.17
CA VAL A 21 4.99 1.35 -1.05
C VAL A 21 5.37 1.35 -2.53
N TYR A 22 6.56 1.87 -2.90
CA TYR A 22 6.91 1.89 -4.33
C TYR A 22 7.00 0.47 -4.86
N ALA A 23 7.33 -0.49 -3.98
CA ALA A 23 7.52 -1.90 -4.32
C ALA A 23 6.39 -2.74 -3.71
N TRP A 24 5.18 -2.17 -3.68
CA TRP A 24 4.03 -2.80 -3.03
C TRP A 24 3.90 -4.27 -3.38
N ASN A 25 3.60 -5.07 -2.38
CA ASN A 25 3.48 -6.53 -2.54
C ASN A 25 2.06 -6.90 -2.92
N ARG A 26 1.92 -7.87 -3.81
CA ARG A 26 0.60 -8.47 -4.13
C ARG A 26 0.63 -9.95 -3.79
N LYS A 27 -0.35 -10.39 -3.00
CA LYS A 27 -0.63 -11.79 -2.69
C LYS A 27 -1.94 -12.22 -3.34
N ARG A 28 -1.88 -13.25 -4.14
CA ARG A 28 -3.09 -13.84 -4.72
C ARG A 28 -3.77 -14.73 -3.69
N ILE A 29 -5.09 -14.54 -3.57
CA ILE A 29 -5.95 -15.33 -2.67
C ILE A 29 -6.96 -16.08 -3.57
N SER A 30 -7.07 -17.38 -3.34
N SER A 30 -6.84 -17.42 -3.68
CA SER A 30 -7.87 -18.20 -4.25
CA SER A 30 -7.75 -18.26 -4.47
C SER A 30 -8.29 -19.45 -3.50
C SER A 30 -8.16 -19.52 -3.69
N ASN A 31 -9.32 -20.08 -4.01
CA ASN A 31 -9.75 -21.44 -3.57
C ASN A 31 -9.88 -21.50 -2.05
N CYS A 32 -10.68 -20.64 -1.45
CA CYS A 32 -10.79 -20.55 0.03
C CYS A 32 -12.02 -19.80 0.44
N VAL A 33 -12.36 -19.94 1.73
N VAL A 33 -12.30 -19.90 1.75
CA VAL A 33 -13.46 -19.14 2.32
CA VAL A 33 -13.45 -19.19 2.35
C VAL A 33 -12.89 -18.13 3.31
C VAL A 33 -12.98 -18.20 3.42
N ALA A 34 -13.61 -17.03 3.51
CA ALA A 34 -13.29 -16.10 4.63
C ALA A 34 -14.54 -15.51 5.24
N ASP A 35 -14.45 -15.14 6.51
CA ASP A 35 -15.49 -14.40 7.21
C ASP A 35 -15.00 -12.97 7.16
N TYR A 36 -15.52 -12.20 6.23
CA TYR A 36 -15.06 -10.79 6.08
C TYR A 36 -15.50 -10.01 7.30
N SER A 37 -16.57 -10.41 8.00
CA SER A 37 -17.05 -9.62 9.16
C SER A 37 -15.97 -9.65 10.27
N VAL A 38 -15.16 -10.70 10.36
CA VAL A 38 -14.06 -10.73 11.37
C VAL A 38 -13.12 -9.55 11.13
N LEU A 39 -12.92 -9.19 9.86
CA LEU A 39 -12.07 -8.04 9.53
C LEU A 39 -12.88 -6.75 9.74
N TYR A 40 -14.08 -6.67 9.18
CA TYR A 40 -14.87 -5.41 9.19
C TYR A 40 -15.27 -5.00 10.63
N ASN A 41 -15.38 -5.98 11.54
N ASN A 41 -15.38 -5.98 11.54
CA ASN A 41 -15.82 -5.67 12.92
CA ASN A 41 -15.82 -5.67 12.92
C ASN A 41 -14.62 -5.35 13.82
C ASN A 41 -14.62 -5.35 13.82
N SER A 42 -13.41 -5.37 13.26
CA SER A 42 -12.20 -5.14 14.10
C SER A 42 -12.06 -3.68 14.50
N ALA A 43 -11.79 -3.46 15.79
CA ALA A 43 -11.53 -2.09 16.30
C ALA A 43 -10.09 -1.69 15.94
N SER A 44 -9.30 -2.57 15.34
CA SER A 44 -7.89 -2.21 15.03
C SER A 44 -7.80 -1.50 13.68
N PHE A 45 -8.80 -1.61 12.82
CA PHE A 45 -8.68 -1.01 11.48
C PHE A 45 -9.28 0.39 11.49
N SER A 46 -8.41 1.38 11.53
CA SER A 46 -8.89 2.77 11.51
C SER A 46 -9.37 3.19 10.12
N THR A 47 -8.92 2.50 9.08
CA THR A 47 -9.53 2.60 7.75
C THR A 47 -10.08 1.24 7.39
N PHE A 48 -11.34 1.21 6.92
CA PHE A 48 -11.96 0.04 6.30
C PHE A 48 -12.97 0.61 5.33
N LYS A 49 -12.49 1.05 4.14
N LYS A 49 -12.53 0.77 4.10
CA LYS A 49 -13.32 1.75 3.12
CA LYS A 49 -13.33 1.56 3.16
C LYS A 49 -13.43 0.92 1.85
C LYS A 49 -13.43 0.76 1.88
N CYS A 50 -14.65 0.56 1.43
CA CYS A 50 -14.87 -0.24 0.25
C CYS A 50 -15.43 0.63 -0.88
N TYR A 51 -15.18 0.17 -2.09
CA TYR A 51 -15.52 0.85 -3.33
C TYR A 51 -16.08 -0.21 -4.26
N GLY A 52 -17.21 0.09 -4.87
CA GLY A 52 -17.83 -0.82 -5.81
C GLY A 52 -18.54 -1.99 -5.18
N VAL A 53 -18.58 -2.06 -3.86
CA VAL A 53 -19.18 -3.13 -3.06
C VAL A 53 -19.39 -2.57 -1.66
N SER A 54 -20.44 -2.98 -0.94
N SER A 54 -20.35 -3.14 -0.94
CA SER A 54 -20.64 -2.60 0.50
CA SER A 54 -20.71 -2.78 0.46
C SER A 54 -19.91 -3.60 1.37
C SER A 54 -19.94 -3.68 1.42
N PRO A 55 -19.28 -3.16 2.47
CA PRO A 55 -18.61 -4.08 3.38
C PRO A 55 -19.61 -5.10 3.92
N THR A 56 -20.86 -4.70 4.13
CA THR A 56 -21.80 -5.62 4.77
C THR A 56 -22.10 -6.80 3.86
N LYS A 57 -21.98 -6.66 2.57
CA LYS A 57 -22.36 -7.68 1.61
C LYS A 57 -21.27 -8.71 1.39
N LEU A 58 -20.05 -8.45 1.86
CA LEU A 58 -18.90 -9.30 1.46
C LEU A 58 -19.15 -10.78 1.76
N ASN A 59 -19.70 -11.12 2.92
CA ASN A 59 -19.87 -12.55 3.26
C ASN A 59 -20.88 -13.19 2.33
N ASP A 60 -21.66 -12.41 1.60
CA ASP A 60 -22.67 -13.01 0.73
C ASP A 60 -22.22 -13.00 -0.71
N LEU A 61 -20.95 -12.72 -0.97
CA LEU A 61 -20.44 -12.67 -2.34
C LEU A 61 -19.37 -13.73 -2.53
N CYS A 62 -19.19 -14.12 -3.76
CA CYS A 62 -18.05 -14.93 -4.19
C CYS A 62 -17.36 -14.22 -5.36
N PHE A 63 -16.05 -14.50 -5.46
CA PHE A 63 -15.21 -13.92 -6.48
C PHE A 63 -14.33 -14.97 -7.12
N THR A 64 -13.88 -14.68 -8.33
CA THR A 64 -12.98 -15.62 -9.03
C THR A 64 -11.65 -15.71 -8.34
N ASN A 65 -11.08 -14.55 -8.01
CA ASN A 65 -9.84 -14.42 -7.24
C ASN A 65 -9.98 -13.17 -6.36
N VAL A 66 -9.16 -13.10 -5.33
CA VAL A 66 -8.98 -11.89 -4.53
C VAL A 66 -7.49 -11.58 -4.54
N TYR A 67 -7.13 -10.32 -4.55
CA TYR A 67 -5.71 -9.95 -4.43
C TYR A 67 -5.56 -9.07 -3.19
N ALA A 68 -4.49 -9.26 -2.46
CA ALA A 68 -4.19 -8.44 -1.28
C ALA A 68 -2.87 -7.73 -1.53
N ASP A 69 -2.94 -6.41 -1.69
CA ASP A 69 -1.75 -5.57 -1.87
C ASP A 69 -1.39 -4.98 -0.52
N SER A 70 -0.12 -4.90 -0.16
CA SER A 70 0.24 -4.40 1.15
C SER A 70 1.54 -3.63 1.12
N PHE A 71 1.64 -2.67 2.05
CA PHE A 71 2.75 -1.74 2.10
C PHE A 71 2.57 -0.84 3.34
N VAL A 72 3.58 -0.02 3.59
CA VAL A 72 3.58 1.02 4.64
C VAL A 72 3.64 2.41 4.03
N ILE A 73 2.82 3.30 4.60
CA ILE A 73 2.86 4.75 4.24
C ILE A 73 2.60 5.55 5.52
N ARG A 74 2.65 6.87 5.43
CA ARG A 74 2.25 7.70 6.58
C ARG A 74 0.73 7.65 6.78
N GLY A 75 0.29 7.80 8.03
CA GLY A 75 -1.15 7.88 8.30
C GLY A 75 -1.83 8.95 7.45
N ASP A 76 -1.17 10.10 7.26
CA ASP A 76 -1.81 11.21 6.50
C ASP A 76 -1.79 10.98 4.99
N GLU A 77 -1.22 9.84 4.55
CA GLU A 77 -1.24 9.47 3.12
C GLU A 77 -2.30 8.40 2.83
N VAL A 78 -2.90 7.81 3.89
CA VAL A 78 -3.90 6.75 3.66
C VAL A 78 -5.06 7.27 2.78
N ARG A 79 -5.37 8.57 2.90
N ARG A 79 -5.37 8.57 2.90
CA ARG A 79 -6.43 9.17 2.08
CA ARG A 79 -6.44 9.16 2.07
C ARG A 79 -6.12 9.04 0.58
C ARG A 79 -6.13 9.04 0.57
N GLN A 80 -4.85 8.91 0.19
CA GLN A 80 -4.49 8.77 -1.23
C GLN A 80 -4.78 7.36 -1.77
N ILE A 81 -5.01 6.40 -0.90
CA ILE A 81 -5.29 5.00 -1.30
C ILE A 81 -6.81 4.88 -1.51
N ALA A 82 -7.28 5.48 -2.58
CA ALA A 82 -8.70 5.54 -2.91
C ALA A 82 -8.78 5.89 -4.38
N PRO A 83 -9.86 5.53 -5.07
CA PRO A 83 -10.04 6.01 -6.43
C PRO A 83 -10.05 7.56 -6.49
N GLY A 84 -9.48 8.09 -7.56
CA GLY A 84 -9.60 9.51 -7.93
C GLY A 84 -8.72 10.44 -7.15
N GLN A 85 -7.69 9.93 -6.47
CA GLN A 85 -6.85 10.75 -5.60
C GLN A 85 -5.58 11.14 -6.34
N THR A 86 -4.97 12.23 -5.84
N THR A 86 -4.97 12.23 -5.84
CA THR A 86 -3.68 12.67 -6.42
CA THR A 86 -3.68 12.67 -6.42
C THR A 86 -2.74 12.89 -5.22
C THR A 86 -2.74 12.89 -5.22
N GLY A 87 -1.46 13.05 -5.49
CA GLY A 87 -0.47 13.19 -4.40
C GLY A 87 0.70 12.26 -4.73
N LYS A 88 1.80 12.36 -3.98
CA LYS A 88 3.00 11.57 -4.34
C LYS A 88 2.70 10.07 -4.35
N ILE A 89 1.87 9.63 -3.40
CA ILE A 89 1.65 8.17 -3.29
C ILE A 89 0.73 7.68 -4.44
N ALA A 90 -0.40 8.35 -4.62
CA ALA A 90 -1.32 7.94 -5.72
C ALA A 90 -0.65 8.14 -7.08
N ASP A 91 0.14 9.20 -7.24
CA ASP A 91 0.71 9.54 -8.57
C ASP A 91 1.94 8.69 -8.90
N TYR A 92 2.81 8.45 -7.91
CA TYR A 92 4.12 7.84 -8.25
C TYR A 92 4.35 6.47 -7.60
N ASN A 93 3.42 5.99 -6.76
CA ASN A 93 3.71 4.75 -5.99
C ASN A 93 2.62 3.67 -6.12
N TYR A 94 1.35 4.00 -5.83
CA TYR A 94 0.27 3.00 -5.83
C TYR A 94 -1.01 3.71 -6.24
N LYS A 95 -1.55 3.34 -7.39
CA LYS A 95 -2.72 4.04 -7.99
C LYS A 95 -3.92 3.09 -8.14
N LEU A 96 -5.04 3.47 -7.54
CA LEU A 96 -6.30 2.70 -7.73
C LEU A 96 -7.06 3.30 -8.90
N PRO A 97 -7.74 2.42 -9.67
CA PRO A 97 -8.56 2.89 -10.78
C PRO A 97 -9.89 3.51 -10.32
N ASP A 98 -10.49 4.29 -11.19
CA ASP A 98 -11.84 4.85 -10.90
C ASP A 98 -12.84 3.73 -10.62
N ASP A 99 -12.73 2.64 -11.37
CA ASP A 99 -13.71 1.52 -11.30
C ASP A 99 -13.31 0.45 -10.29
N PHE A 100 -12.44 0.79 -9.36
CA PHE A 100 -11.99 -0.16 -8.32
C PHE A 100 -13.17 -0.86 -7.65
N THR A 101 -13.04 -2.17 -7.48
N THR A 101 -13.05 -2.18 -7.51
CA THR A 101 -13.96 -2.97 -6.64
CA THR A 101 -13.94 -3.00 -6.67
C THR A 101 -13.11 -3.66 -5.58
C THR A 101 -13.08 -3.64 -5.59
N GLY A 102 -13.18 -3.16 -4.37
CA GLY A 102 -12.34 -3.67 -3.31
C GLY A 102 -12.42 -2.83 -2.07
N CYS A 103 -11.59 -3.13 -1.11
CA CYS A 103 -11.59 -2.49 0.19
C CYS A 103 -10.15 -2.11 0.57
N VAL A 104 -10.04 -0.97 1.20
CA VAL A 104 -8.75 -0.43 1.71
C VAL A 104 -8.82 -0.52 3.22
N ILE A 105 -7.81 -1.15 3.80
CA ILE A 105 -7.75 -1.45 5.23
C ILE A 105 -6.45 -0.89 5.77
N ALA A 106 -6.45 -0.20 6.88
CA ALA A 106 -5.19 0.33 7.44
C ALA A 106 -5.24 0.36 8.94
N TRP A 107 -4.04 0.32 9.53
CA TRP A 107 -3.90 0.40 11.00
C TRP A 107 -2.56 1.07 11.34
N ASN A 108 -2.52 1.77 12.46
CA ASN A 108 -1.30 2.40 12.95
C ASN A 108 -0.28 1.32 13.31
N SER A 109 0.94 1.44 12.80
CA SER A 109 1.98 0.47 13.04
C SER A 109 3.18 1.10 13.72
N ASN A 110 2.98 2.21 14.42
CA ASN A 110 4.09 2.88 15.12
C ASN A 110 4.86 1.94 16.03
N ASN A 111 4.19 1.03 16.73
CA ASN A 111 4.92 0.19 17.68
C ASN A 111 5.90 -0.74 16.99
N LEU A 112 5.65 -1.15 15.74
CA LEU A 112 6.50 -2.06 15.00
C LEU A 112 7.45 -1.34 14.07
N ASP A 113 7.03 -0.23 13.50
CA ASP A 113 7.69 0.40 12.35
C ASP A 113 8.41 1.72 12.66
N SER A 114 8.34 2.18 13.89
N SER A 114 8.33 2.17 13.90
CA SER A 114 9.18 3.32 14.34
CA SER A 114 9.18 3.29 14.36
C SER A 114 10.23 2.79 15.30
C SER A 114 10.28 2.74 15.26
N LYS A 115 11.36 3.48 15.38
CA LYS A 115 12.45 3.12 16.30
C LYS A 115 13.05 4.41 16.83
N VAL A 116 13.62 4.33 18.03
N VAL A 116 13.73 4.27 17.98
CA VAL A 116 14.34 5.50 18.59
CA VAL A 116 14.45 5.43 18.59
C VAL A 116 15.45 5.82 17.56
C VAL A 116 15.56 5.84 17.64
N GLY A 117 15.54 7.11 17.23
CA GLY A 117 16.55 7.64 16.30
C GLY A 117 16.00 7.60 14.91
N GLY A 118 14.81 7.06 14.74
CA GLY A 118 14.13 6.99 13.47
C GLY A 118 14.39 5.67 12.75
N ASN A 119 13.29 5.12 12.19
CA ASN A 119 13.38 4.05 11.20
C ASN A 119 13.27 4.66 9.83
N TYR A 120 14.33 4.54 9.06
CA TYR A 120 14.43 5.07 7.69
C TYR A 120 14.39 3.94 6.65
N ASN A 121 13.96 2.74 7.07
CA ASN A 121 13.97 1.60 6.13
C ASN A 121 12.97 1.70 5.00
N TYR A 122 11.79 2.25 5.26
CA TYR A 122 10.71 2.26 4.27
C TYR A 122 10.91 3.41 3.30
N LEU A 123 10.65 3.13 2.01
CA LEU A 123 10.87 4.06 0.92
C LEU A 123 9.57 4.40 0.21
N TYR A 124 9.60 5.61 -0.41
CA TYR A 124 8.52 6.00 -1.34
C TYR A 124 9.22 6.65 -2.54
N ARG A 125 8.57 6.57 -3.69
CA ARG A 125 9.10 7.27 -4.88
C ARG A 125 8.65 8.74 -4.83
N LEU A 126 9.64 9.64 -4.83
CA LEU A 126 9.37 11.10 -4.72
C LEU A 126 9.35 11.77 -6.10
N PHE A 127 10.06 11.21 -7.08
CA PHE A 127 10.15 11.85 -8.41
C PHE A 127 9.81 10.83 -9.49
N ARG A 128 9.08 11.27 -10.50
CA ARG A 128 8.79 10.40 -11.66
C ARG A 128 8.42 11.30 -12.84
N LYS A 129 8.76 10.86 -14.05
CA LYS A 129 8.48 11.68 -15.26
C LYS A 129 6.99 11.71 -15.61
N SER A 130 6.20 10.76 -15.11
CA SER A 130 4.77 10.68 -15.43
C SER A 130 4.07 9.91 -14.30
N ASN A 131 2.76 10.01 -14.24
CA ASN A 131 2.01 9.30 -13.21
C ASN A 131 1.87 7.82 -13.55
N LEU A 132 1.79 7.00 -12.52
CA LEU A 132 1.51 5.57 -12.76
C LEU A 132 0.10 5.37 -13.31
N LYS A 133 -0.04 4.32 -14.11
CA LYS A 133 -1.39 3.86 -14.49
C LYS A 133 -1.92 3.03 -13.29
N PRO A 134 -3.24 2.78 -13.20
CA PRO A 134 -3.76 2.01 -12.08
C PRO A 134 -3.09 0.62 -12.01
N PHE A 135 -2.72 0.25 -10.81
CA PHE A 135 -2.07 -1.02 -10.48
C PHE A 135 -0.72 -1.22 -11.18
N GLU A 136 -0.11 -0.15 -11.67
CA GLU A 136 1.28 -0.21 -12.14
C GLU A 136 2.21 -0.23 -10.96
N ARG A 137 3.36 -0.85 -11.16
N ARG A 137 3.34 -0.92 -11.13
CA ARG A 137 4.40 -0.97 -10.14
CA ARG A 137 4.40 -0.95 -10.12
C ARG A 137 5.73 -0.59 -10.79
C ARG A 137 5.70 -0.55 -10.82
N ASP A 138 6.39 0.43 -10.30
CA ASP A 138 7.69 0.88 -10.81
C ASP A 138 8.73 0.67 -9.72
N ILE A 139 9.69 -0.24 -9.95
CA ILE A 139 10.75 -0.46 -8.97
C ILE A 139 12.13 -0.01 -9.51
N SER A 140 12.11 0.79 -10.58
CA SER A 140 13.34 1.31 -11.17
C SER A 140 14.02 2.30 -10.24
N THR A 141 15.32 2.52 -10.42
CA THR A 141 16.13 3.42 -9.59
C THR A 141 17.02 4.33 -10.46
N GLU A 142 16.54 4.74 -11.61
CA GLU A 142 17.26 5.69 -12.46
C GLU A 142 17.37 7.03 -11.74
N ILE A 143 18.53 7.68 -11.84
CA ILE A 143 18.68 9.04 -11.29
C ILE A 143 17.71 9.97 -12.03
N TYR A 144 16.97 10.74 -11.27
CA TYR A 144 15.97 11.62 -11.85
C TYR A 144 16.59 12.98 -12.22
N GLN A 145 16.47 13.29 -13.50
CA GLN A 145 16.99 14.53 -14.07
C GLN A 145 15.97 15.64 -13.90
N ALA A 146 16.18 16.53 -12.95
CA ALA A 146 15.23 17.60 -12.61
C ALA A 146 15.56 18.89 -13.34
N GLY A 147 16.76 19.00 -13.93
CA GLY A 147 17.15 20.18 -14.71
C GLY A 147 17.65 19.84 -16.10
N SER A 148 18.39 20.74 -16.72
N SER A 148 18.40 20.77 -16.68
CA SER A 148 18.82 20.55 -18.13
CA SER A 148 18.88 20.72 -18.09
C SER A 148 20.06 19.68 -18.28
C SER A 148 20.10 19.81 -18.29
N THR A 149 20.84 19.53 -17.19
CA THR A 149 22.12 18.80 -17.26
C THR A 149 21.88 17.30 -17.09
N PRO A 150 22.37 16.43 -18.00
CA PRO A 150 22.27 14.97 -17.77
C PRO A 150 23.00 14.54 -16.50
N CYS A 151 22.47 13.48 -15.90
CA CYS A 151 22.99 13.05 -14.57
C CYS A 151 24.12 12.00 -14.64
N ASN A 152 24.28 11.30 -15.78
CA ASN A 152 25.46 10.38 -15.90
C ASN A 152 25.37 9.25 -14.86
N GLY A 153 24.16 8.91 -14.41
CA GLY A 153 23.96 7.85 -13.41
C GLY A 153 24.39 8.23 -12.00
N VAL A 154 24.61 9.52 -11.72
CA VAL A 154 25.21 10.00 -10.44
C VAL A 154 24.29 11.07 -9.86
N GLU A 155 24.12 11.04 -8.56
CA GLU A 155 23.48 12.12 -7.78
C GLU A 155 24.31 13.37 -7.87
N GLY A 156 23.62 14.50 -7.90
CA GLY A 156 24.37 15.77 -8.05
C GLY A 156 23.31 16.83 -7.99
N PHE A 157 23.72 18.02 -8.41
CA PHE A 157 22.78 19.12 -8.52
C PHE A 157 21.74 18.74 -9.56
N ASN A 158 20.52 18.85 -9.15
CA ASN A 158 19.34 18.66 -10.00
C ASN A 158 19.25 17.22 -10.45
N CYS A 159 19.86 16.29 -9.75
CA CYS A 159 19.98 14.88 -10.16
C CYS A 159 19.77 14.03 -8.90
N TYR A 160 18.58 13.46 -8.76
CA TYR A 160 18.15 12.90 -7.46
C TYR A 160 17.90 11.40 -7.53
N PHE A 161 18.32 10.67 -6.49
CA PHE A 161 17.87 9.29 -6.39
C PHE A 161 16.35 9.33 -6.18
N PRO A 162 15.57 8.52 -6.93
CA PRO A 162 14.13 8.79 -6.97
C PRO A 162 13.36 8.25 -5.77
N LEU A 163 13.95 7.34 -5.02
CA LEU A 163 13.34 6.76 -3.81
C LEU A 163 13.89 7.45 -2.59
N GLN A 164 13.01 7.78 -1.65
CA GLN A 164 13.41 8.49 -0.42
C GLN A 164 12.82 7.80 0.79
N SER A 165 13.53 7.93 1.91
CA SER A 165 13.12 7.30 3.15
C SER A 165 12.03 8.05 3.87
N TYR A 166 10.98 7.36 4.31
CA TYR A 166 10.20 7.84 5.43
C TYR A 166 11.09 7.92 6.67
N GLY A 167 10.79 8.88 7.55
CA GLY A 167 11.51 8.98 8.83
C GLY A 167 10.53 8.73 9.96
N PHE A 168 10.44 7.47 10.37
CA PHE A 168 9.44 7.11 11.40
C PHE A 168 10.04 7.16 12.78
N GLN A 169 9.83 8.27 13.47
N GLN A 169 9.82 8.27 13.48
CA GLN A 169 10.32 8.41 14.87
CA GLN A 169 10.33 8.43 14.87
C GLN A 169 9.13 8.15 15.76
C GLN A 169 9.12 8.15 15.76
N PRO A 170 9.30 7.48 16.91
CA PRO A 170 8.16 7.10 17.75
C PRO A 170 7.30 8.27 18.23
N THR A 171 7.95 9.42 18.43
CA THR A 171 7.26 10.60 18.98
C THR A 171 6.65 11.49 17.89
N ASN A 172 6.71 11.06 16.63
CA ASN A 172 6.06 11.83 15.55
C ASN A 172 4.58 12.07 15.83
N GLY A 173 4.06 13.21 15.34
CA GLY A 173 2.60 13.42 15.35
C GLY A 173 1.95 12.24 14.64
N VAL A 174 0.69 11.94 14.97
CA VAL A 174 0.12 10.62 14.56
C VAL A 174 0.06 10.46 13.04
N GLY A 175 -0.31 11.49 12.30
CA GLY A 175 -0.42 11.37 10.84
C GLY A 175 0.94 11.17 10.19
N TYR A 176 2.02 11.47 10.90
CA TYR A 176 3.39 11.25 10.39
C TYR A 176 3.92 9.87 10.82
N GLN A 177 3.12 9.10 11.57
CA GLN A 177 3.54 7.75 11.99
C GLN A 177 3.24 6.76 10.87
N PRO A 178 3.90 5.60 10.90
CA PRO A 178 3.65 4.58 9.89
C PRO A 178 2.31 3.88 10.09
N TYR A 179 1.67 3.60 8.97
CA TYR A 179 0.43 2.79 8.94
C TYR A 179 0.67 1.66 7.95
N ARG A 180 0.30 0.47 8.34
CA ARG A 180 0.26 -0.70 7.46
C ARG A 180 -1.07 -0.69 6.73
N VAL A 181 -1.02 -0.99 5.43
CA VAL A 181 -2.17 -0.92 4.54
C VAL A 181 -2.29 -2.27 3.81
N VAL A 182 -3.53 -2.78 3.76
CA VAL A 182 -3.90 -3.92 2.93
C VAL A 182 -5.04 -3.50 2.02
N VAL A 183 -4.87 -3.64 0.74
CA VAL A 183 -5.90 -3.35 -0.25
C VAL A 183 -6.37 -4.67 -0.84
N LEU A 184 -7.64 -4.99 -0.61
CA LEU A 184 -8.26 -6.19 -1.18
C LEU A 184 -8.97 -5.82 -2.47
N SER A 185 -8.67 -6.53 -3.54
N SER A 185 -8.58 -6.48 -3.55
CA SER A 185 -9.40 -6.29 -4.77
CA SER A 185 -9.28 -6.41 -4.86
C SER A 185 -10.10 -7.57 -5.18
C SER A 185 -10.17 -7.64 -4.97
N PHE A 186 -11.37 -7.44 -5.49
CA PHE A 186 -12.31 -8.55 -5.70
C PHE A 186 -12.52 -8.70 -7.21
N GLU A 187 -12.05 -9.80 -7.78
CA GLU A 187 -12.04 -9.99 -9.23
C GLU A 187 -13.13 -10.95 -9.67
N LEU A 188 -14.05 -10.44 -10.49
N LEU A 188 -13.86 -10.54 -10.69
CA LEU A 188 -15.14 -11.18 -11.15
CA LEU A 188 -14.98 -11.34 -11.19
C LEU A 188 -14.68 -11.49 -12.61
C LEU A 188 -14.80 -11.54 -12.65
N LEU A 189 -14.46 -12.75 -13.00
CA LEU A 189 -14.23 -13.14 -14.38
C LEU A 189 -15.42 -13.98 -14.86
N HIS A 190 -15.41 -14.25 -16.16
CA HIS A 190 -16.33 -15.23 -16.76
C HIS A 190 -15.69 -16.61 -16.53
N ALA A 191 -15.73 -17.08 -15.29
CA ALA A 191 -15.01 -18.27 -14.82
C ALA A 191 -15.59 -18.62 -13.46
N PRO A 192 -15.45 -19.85 -12.95
CA PRO A 192 -16.03 -20.18 -11.64
C PRO A 192 -15.48 -19.33 -10.51
N ALA A 193 -16.34 -19.03 -9.55
CA ALA A 193 -15.87 -18.47 -8.28
C ALA A 193 -14.98 -19.47 -7.57
N THR A 194 -13.99 -18.93 -6.85
CA THR A 194 -13.14 -19.74 -5.97
C THR A 194 -12.97 -19.16 -4.58
N VAL A 195 -13.38 -17.94 -4.31
CA VAL A 195 -13.22 -17.30 -2.98
C VAL A 195 -14.60 -16.84 -2.53
N CYS A 196 -15.12 -17.42 -1.46
CA CYS A 196 -16.47 -17.12 -0.97
C CYS A 196 -16.44 -16.73 0.50
N GLY A 197 -17.52 -16.16 0.98
CA GLY A 197 -17.80 -16.07 2.41
C GLY A 197 -18.19 -17.44 2.97
N PRO A 198 -18.45 -17.50 4.28
CA PRO A 198 -18.70 -18.76 4.97
C PRO A 198 -19.97 -19.50 4.52
N CYS B 2 22.21 6.51 10.27
CA CYS B 2 21.45 6.82 9.06
C CYS B 2 21.93 5.97 7.90
N PRO B 3 21.04 5.56 6.99
CA PRO B 3 21.47 4.66 5.93
C PRO B 3 22.34 5.27 4.85
N TYR B 4 22.30 6.60 4.75
CA TYR B 4 23.12 7.42 3.86
C TYR B 4 23.47 8.70 4.65
N VAL B 5 24.54 9.34 4.20
CA VAL B 5 24.84 10.69 4.66
C VAL B 5 23.71 11.62 4.25
N ALA B 6 23.44 12.63 5.07
CA ALA B 6 22.39 13.60 4.75
C ALA B 6 22.62 14.16 3.35
N GLY B 7 21.57 14.23 2.57
CA GLY B 7 21.60 14.76 1.21
C GLY B 7 21.94 13.71 0.18
N THR B 10 18.77 7.84 -0.13
CA THR B 10 17.37 7.96 0.28
C THR B 10 17.23 8.96 1.41
N CYS B 11 18.24 9.78 1.65
CA CYS B 11 18.24 10.80 2.72
C CYS B 11 18.40 12.19 2.12
N LEU B 12 17.94 12.39 0.90
CA LEU B 12 18.04 13.69 0.21
C LEU B 12 17.43 14.81 1.05
#